data_6GW1
#
_entry.id   6GW1
#
_cell.length_a   107.850
_cell.length_b   79.670
_cell.length_c   87.690
_cell.angle_alpha   90.00
_cell.angle_beta   90.00
_cell.angle_gamma   90.00
#
_symmetry.space_group_name_H-M   'P 21 21 2'
#
loop_
_entity.id
_entity.type
_entity.pdbx_description
1 polymer 'Capsid protein'
2 non-polymer 'SODIUM ION'
3 non-polymer 'GLYCOCHENODEOXYCHOLIC ACID'
4 water water
#
_entity_poly.entity_id   1
_entity_poly.type   'polypeptide(L)'
_entity_poly.pdbx_seq_one_letter_code
;KPFTLPILTLGELTNSRFPLPIDVLYTNPNESAIVQCQNGRCTLDGELQGTTQLLPTGICAFRGKVTQQVQDEHRGTHWN
MTVTNLNGTPFDPTEDVPAPLGTPDFSGQIYGVISQRNTNTVPGEGNLPANRAHEAVIATYSPKFTPKLGNIQFSTWETQ
DVSSGQPTKFTPVGLASVDANSHFDQWTLPSYSGALTLNMNLAPSVAPVFPGECLLFFRSFIPLKGGYGNPAIDCLMPQE
WVQHLYQESAPSLSDVALVRYVNPETGRTLFEAKLHRNGFLTVARNSAGPVVAPTNGYFRFDSWVNQFYTLAPM
;
_entity_poly.pdbx_strand_id   A,B
#
# COMPACT_ATOMS: atom_id res chain seq x y z
N PRO A 2 18.58 10.92 18.56
CA PRO A 2 17.37 11.64 18.99
C PRO A 2 16.10 11.05 18.39
N PHE A 3 15.01 11.05 19.16
CA PHE A 3 13.74 10.56 18.65
C PHE A 3 13.17 11.56 17.65
N THR A 4 12.60 11.02 16.58
CA THR A 4 11.99 11.86 15.56
CA THR A 4 12.02 11.85 15.52
C THR A 4 10.79 11.14 14.97
N LEU A 5 9.86 11.93 14.46
CA LEU A 5 8.73 11.45 13.67
C LEU A 5 8.95 11.84 12.22
N PRO A 6 8.36 11.11 11.27
CA PRO A 6 8.52 11.50 9.87
C PRO A 6 7.90 12.88 9.63
N ILE A 7 8.46 13.61 8.67
CA ILE A 7 7.89 14.89 8.26
C ILE A 7 6.95 14.59 7.10
N LEU A 8 5.79 14.07 7.45
CA LEU A 8 4.76 13.71 6.49
C LEU A 8 3.48 14.38 6.94
N THR A 9 2.81 15.06 6.02
CA THR A 9 1.56 15.69 6.36
C THR A 9 0.46 14.63 6.47
N LEU A 10 -0.69 15.05 7.02
CA LEU A 10 -1.81 14.14 7.14
C LEU A 10 -2.19 13.54 5.80
N GLY A 11 -2.08 14.34 4.73
CA GLY A 11 -2.37 13.87 3.39
C GLY A 11 -1.29 13.03 2.76
N GLU A 12 -0.23 12.71 3.50
CA GLU A 12 0.82 11.82 3.04
C GLU A 12 0.93 10.56 3.90
N LEU A 13 -0.12 10.23 4.65
CA LEU A 13 -0.13 9.09 5.56
C LEU A 13 -1.18 8.07 5.13
N THR A 14 -0.92 6.80 5.45
CA THR A 14 -1.88 5.74 5.16
C THR A 14 -2.18 4.95 6.43
N ASN A 15 -3.33 4.30 6.40
CA ASN A 15 -3.81 3.54 7.55
C ASN A 15 -2.97 2.28 7.73
N SER A 16 -2.72 1.92 9.00
CA SER A 16 -1.95 0.72 9.31
C SER A 16 -2.84 -0.50 9.53
N ARG A 17 -4.16 -0.35 9.50
CA ARG A 17 -5.08 -1.44 9.75
C ARG A 17 -5.86 -1.86 8.52
N PHE A 18 -5.81 -1.07 7.44
CA PHE A 18 -6.41 -1.43 6.15
C PHE A 18 -5.74 -0.56 5.09
N PRO A 19 -5.55 -1.07 3.87
CA PRO A 19 -4.84 -0.28 2.85
C PRO A 19 -5.66 0.90 2.35
N LEU A 20 -5.67 1.98 3.12
CA LEU A 20 -6.45 3.17 2.83
C LEU A 20 -5.63 4.40 3.20
N PRO A 21 -5.83 5.51 2.49
CA PRO A 21 -5.22 6.76 2.95
C PRO A 21 -5.88 7.21 4.25
N ILE A 22 -5.13 7.95 5.06
CA ILE A 22 -5.74 8.61 6.22
C ILE A 22 -6.63 9.73 5.72
N ASP A 23 -7.87 9.76 6.19
CA ASP A 23 -8.83 10.76 5.77
C ASP A 23 -8.97 11.91 6.77
N VAL A 24 -8.96 11.62 8.07
CA VAL A 24 -9.14 12.65 9.09
C VAL A 24 -8.61 12.12 10.42
N LEU A 25 -8.19 13.03 11.29
CA LEU A 25 -7.99 12.65 12.69
C LEU A 25 -9.32 12.59 13.42
N TYR A 26 -9.38 11.81 14.50
CA TYR A 26 -10.67 11.47 15.07
C TYR A 26 -10.51 11.10 16.54
N THR A 27 -11.49 11.51 17.36
CA THR A 27 -11.60 11.08 18.75
C THR A 27 -12.99 10.54 19.02
N ASN A 28 -13.07 9.66 20.01
CA ASN A 28 -14.36 9.19 20.53
C ASN A 28 -14.20 8.86 22.01
N PRO A 29 -14.26 9.86 22.88
CA PRO A 29 -14.02 9.60 24.30
C PRO A 29 -15.01 8.63 24.93
N ASN A 30 -16.25 8.60 24.46
CA ASN A 30 -17.27 7.73 25.04
C ASN A 30 -17.19 6.29 24.54
N GLU A 31 -16.15 5.95 23.77
CA GLU A 31 -15.94 4.58 23.34
C GLU A 31 -15.96 3.62 24.52
N SER A 32 -16.83 2.61 24.46
CA SER A 32 -16.95 1.64 25.55
C SER A 32 -16.08 0.41 25.35
N ALA A 33 -15.67 0.12 24.12
CA ALA A 33 -14.89 -1.09 23.87
C ALA A 33 -13.45 -0.91 24.35
N ILE A 34 -12.80 -2.04 24.61
CA ILE A 34 -11.37 -2.06 24.90
C ILE A 34 -10.62 -1.99 23.57
N VAL A 35 -9.73 -1.02 23.43
CA VAL A 35 -8.99 -0.80 22.19
C VAL A 35 -7.74 -1.66 22.23
N GLN A 36 -7.68 -2.69 21.38
CA GLN A 36 -6.56 -3.62 21.38
C GLN A 36 -6.32 -4.11 19.96
N CYS A 37 -6.24 -3.20 19.01
CA CYS A 37 -5.96 -3.60 17.65
C CYS A 37 -4.55 -4.18 17.57
N GLN A 38 -4.33 -5.01 16.55
CA GLN A 38 -3.10 -5.79 16.44
C GLN A 38 -2.25 -5.42 15.25
N ASN A 39 -2.79 -4.73 14.26
CA ASN A 39 -2.02 -4.12 13.20
C ASN A 39 -1.78 -2.66 13.54
N GLY A 40 -0.71 -2.11 12.97
CA GLY A 40 -0.31 -0.76 13.34
C GLY A 40 0.19 -0.64 14.76
N ARG A 41 0.85 -1.67 15.28
CA ARG A 41 1.32 -1.67 16.66
C ARG A 41 2.84 -1.70 16.64
N CYS A 42 3.46 -0.68 17.23
CA CYS A 42 4.91 -0.55 17.23
C CYS A 42 5.29 0.34 18.39
N THR A 43 6.24 -0.10 19.22
CA THR A 43 6.69 0.76 20.30
C THR A 43 7.50 1.92 19.74
N LEU A 44 7.69 2.96 20.55
CA LEU A 44 8.48 4.10 20.10
C LEU A 44 9.95 3.74 19.89
N ASP A 45 10.43 2.66 20.50
CA ASP A 45 11.79 2.20 20.24
C ASP A 45 11.86 1.18 19.11
N GLY A 46 10.76 0.97 18.40
CA GLY A 46 10.77 0.27 17.13
C GLY A 46 10.44 -1.20 17.16
N GLU A 47 9.84 -1.72 18.23
CA GLU A 47 9.46 -3.13 18.31
C GLU A 47 8.05 -3.30 17.75
N LEU A 48 7.94 -4.01 16.62
CA LEU A 48 6.63 -4.37 16.08
C LEU A 48 5.93 -5.33 17.03
N GLN A 49 4.62 -5.16 17.18
CA GLN A 49 3.87 -6.01 18.10
C GLN A 49 2.61 -6.54 17.41
N GLY A 50 1.98 -7.53 18.04
CA GLY A 50 0.77 -8.08 17.46
C GLY A 50 1.03 -8.74 16.12
N THR A 51 0.17 -8.47 15.15
CA THR A 51 0.32 -8.98 13.79
C THR A 51 0.94 -7.96 12.86
N THR A 52 1.56 -6.92 13.41
CA THR A 52 2.06 -5.83 12.58
C THR A 52 3.30 -6.24 11.80
N GLN A 53 3.32 -5.90 10.51
CA GLN A 53 4.48 -6.06 9.65
C GLN A 53 4.62 -4.79 8.82
N LEU A 54 5.69 -4.71 8.03
CA LEU A 54 6.08 -3.42 7.46
C LEU A 54 5.43 -3.08 6.13
N LEU A 55 4.95 -4.06 5.38
CA LEU A 55 4.48 -3.84 4.01
C LEU A 55 3.10 -3.21 4.01
N PRO A 56 2.89 -2.06 3.37
CA PRO A 56 1.53 -1.56 3.16
C PRO A 56 0.66 -2.57 2.42
N THR A 57 1.25 -3.37 1.53
CA THR A 57 0.50 -4.37 0.77
C THR A 57 0.20 -5.63 1.58
N GLY A 58 0.78 -5.76 2.77
CA GLY A 58 0.53 -6.92 3.60
C GLY A 58 -0.62 -6.78 4.55
N ILE A 59 -1.16 -5.57 4.71
CA ILE A 59 -2.19 -5.31 5.71
C ILE A 59 -3.50 -5.92 5.22
N CYS A 60 -4.04 -6.87 6.00
CA CYS A 60 -5.26 -7.60 5.65
C CYS A 60 -5.12 -8.41 4.36
N ALA A 61 -3.89 -8.77 3.99
CA ALA A 61 -3.63 -9.61 2.84
C ALA A 61 -3.32 -11.02 3.32
N PHE A 62 -3.55 -11.99 2.43
CA PHE A 62 -3.17 -13.38 2.70
C PHE A 62 -2.47 -13.96 1.48
N ARG A 63 -1.55 -14.87 1.75
CA ARG A 63 -0.91 -15.68 0.72
C ARG A 63 -1.05 -17.14 1.13
N GLY A 64 -1.24 -18.02 0.15
CA GLY A 64 -1.39 -19.43 0.49
C GLY A 64 -1.79 -20.24 -0.72
N LYS A 65 -2.54 -21.31 -0.47
CA LYS A 65 -2.98 -22.20 -1.53
C LYS A 65 -4.35 -22.75 -1.18
N VAL A 66 -5.26 -22.73 -2.16
CA VAL A 66 -6.56 -23.37 -1.97
C VAL A 66 -6.35 -24.87 -1.85
N THR A 67 -6.96 -25.48 -0.84
CA THR A 67 -6.87 -26.93 -0.71
C THR A 67 -8.06 -27.62 -1.35
N GLN A 68 -9.26 -27.06 -1.21
CA GLN A 68 -10.46 -27.66 -1.78
C GLN A 68 -11.62 -26.70 -1.60
N GLN A 69 -12.65 -26.90 -2.42
CA GLN A 69 -13.96 -26.37 -2.10
C GLN A 69 -14.46 -27.07 -0.84
N VAL A 70 -15.25 -26.35 -0.04
CA VAL A 70 -15.80 -26.93 1.18
C VAL A 70 -17.32 -26.84 1.09
N GLN A 71 -17.98 -27.86 1.63
CA GLN A 71 -19.43 -27.89 1.66
C GLN A 71 -19.91 -27.15 2.89
N ASP A 72 -20.88 -26.27 2.70
CA ASP A 72 -21.35 -25.42 3.79
C ASP A 72 -22.78 -25.01 3.49
N GLU A 73 -23.62 -25.00 4.53
CA GLU A 73 -25.03 -24.64 4.40
C GLU A 73 -25.26 -23.16 4.11
N HIS A 74 -24.24 -22.31 4.24
CA HIS A 74 -24.43 -20.89 3.97
C HIS A 74 -24.44 -20.61 2.47
N ARG A 75 -25.14 -19.53 2.11
CA ARG A 75 -25.20 -19.10 0.73
C ARG A 75 -23.79 -18.87 0.19
N GLY A 76 -23.64 -19.03 -1.11
CA GLY A 76 -22.35 -18.80 -1.75
C GLY A 76 -21.57 -20.09 -1.95
N THR A 77 -20.36 -19.90 -2.45
CA THR A 77 -19.41 -20.98 -2.71
C THR A 77 -18.20 -20.75 -1.84
N HIS A 78 -17.75 -21.80 -1.17
CA HIS A 78 -16.80 -21.68 -0.08
C HIS A 78 -15.54 -22.47 -0.37
N TRP A 79 -14.40 -21.91 0.02
CA TRP A 79 -13.11 -22.45 -0.32
C TRP A 79 -12.20 -22.40 0.89
N ASN A 80 -11.46 -23.47 1.12
CA ASN A 80 -10.44 -23.50 2.17
C ASN A 80 -9.08 -23.22 1.56
N MET A 81 -8.32 -22.33 2.18
CA MET A 81 -6.96 -22.08 1.75
C MET A 81 -6.02 -22.17 2.95
N THR A 82 -4.89 -22.81 2.74
CA THR A 82 -3.82 -22.68 3.72
C THR A 82 -3.26 -21.27 3.62
N VAL A 83 -2.75 -20.76 4.73
CA VAL A 83 -2.13 -19.45 4.74
C VAL A 83 -0.68 -19.63 5.16
N THR A 84 0.22 -18.99 4.43
CA THR A 84 1.63 -18.96 4.74
C THR A 84 1.96 -17.59 5.33
N ASN A 85 3.23 -17.41 5.68
CA ASN A 85 3.68 -16.04 5.88
C ASN A 85 3.56 -15.29 4.56
N LEU A 86 3.48 -13.95 4.64
CA LEU A 86 3.30 -13.18 3.41
C LEU A 86 4.44 -13.39 2.43
N ASN A 87 5.64 -13.71 2.92
CA ASN A 87 6.77 -13.90 2.01
C ASN A 87 6.83 -15.30 1.41
N GLY A 88 5.82 -16.13 1.67
CA GLY A 88 5.75 -17.45 1.08
C GLY A 88 6.27 -18.57 1.97
N THR A 89 7.06 -18.25 3.00
CA THR A 89 7.54 -19.30 3.89
C THR A 89 6.40 -19.85 4.72
N PRO A 90 6.49 -21.12 5.14
CA PRO A 90 5.39 -21.72 5.91
C PRO A 90 5.18 -20.98 7.22
N PHE A 91 3.92 -20.82 7.60
CA PHE A 91 3.62 -20.20 8.89
C PHE A 91 3.85 -21.21 10.00
N ASP A 92 4.60 -20.80 11.02
CA ASP A 92 4.93 -21.62 12.17
C ASP A 92 3.94 -21.32 13.30
N PRO A 93 2.91 -22.15 13.51
CA PRO A 93 1.92 -21.83 14.55
C PRO A 93 2.50 -21.71 15.94
N THR A 94 3.70 -22.23 16.17
CA THR A 94 4.33 -22.10 17.49
C THR A 94 5.02 -20.75 17.69
N GLU A 95 5.12 -19.92 16.65
CA GLU A 95 5.73 -18.60 16.82
C GLU A 95 4.88 -17.76 17.77
N ASP A 96 5.55 -16.85 18.50
CA ASP A 96 4.92 -16.01 19.51
C ASP A 96 4.21 -14.80 18.89
N VAL A 97 3.26 -15.09 18.00
CA VAL A 97 2.43 -14.05 17.37
C VAL A 97 0.98 -14.50 17.45
N PRO A 98 0.03 -13.56 17.37
CA PRO A 98 -1.39 -13.95 17.44
C PRO A 98 -1.85 -14.73 16.23
N ALA A 99 -1.16 -14.58 15.09
CA ALA A 99 -1.60 -15.05 13.78
C ALA A 99 -0.53 -14.64 12.77
N PRO A 100 -0.59 -15.10 11.52
CA PRO A 100 0.37 -14.61 10.51
C PRO A 100 0.36 -13.10 10.45
N LEU A 101 1.55 -12.50 10.32
CA LEU A 101 1.62 -11.04 10.28
C LEU A 101 0.83 -10.51 9.08
N GLY A 102 0.09 -9.43 9.29
CA GLY A 102 -0.84 -8.90 8.32
C GLY A 102 -2.28 -9.40 8.44
N THR A 103 -2.53 -10.46 9.20
CA THR A 103 -3.89 -10.93 9.41
C THR A 103 -4.79 -9.78 9.85
N PRO A 104 -6.01 -9.67 9.30
CA PRO A 104 -6.96 -8.64 9.78
C PRO A 104 -7.14 -8.69 11.30
N ASP A 105 -7.31 -7.52 11.93
CA ASP A 105 -7.46 -7.45 13.38
C ASP A 105 -8.86 -6.99 13.82
N PHE A 106 -9.89 -7.22 13.00
CA PHE A 106 -11.22 -6.81 13.41
C PHE A 106 -12.26 -7.78 12.86
N SER A 107 -13.42 -7.76 13.50
CA SER A 107 -14.57 -8.58 13.10
C SER A 107 -15.29 -7.93 11.92
N GLY A 108 -15.46 -8.66 10.83
CA GLY A 108 -16.29 -8.17 9.75
C GLY A 108 -16.23 -9.10 8.54
N GLN A 109 -16.99 -8.72 7.52
CA GLN A 109 -16.98 -9.40 6.23
C GLN A 109 -16.04 -8.63 5.32
N ILE A 110 -14.79 -9.09 5.22
CA ILE A 110 -13.79 -8.34 4.46
C ILE A 110 -13.88 -8.74 2.99
N TYR A 111 -14.02 -7.74 2.14
CA TYR A 111 -14.26 -7.92 0.71
C TYR A 111 -12.99 -7.63 -0.06
N GLY A 112 -12.69 -8.48 -1.03
CA GLY A 112 -11.49 -8.27 -1.82
C GLY A 112 -11.50 -9.16 -3.04
N VAL A 113 -10.31 -9.43 -3.56
CA VAL A 113 -10.17 -10.25 -4.76
C VAL A 113 -9.18 -11.37 -4.47
N ILE A 114 -9.60 -12.60 -4.73
CA ILE A 114 -8.72 -13.75 -4.70
C ILE A 114 -8.16 -13.94 -6.10
N SER A 115 -6.84 -14.05 -6.22
CA SER A 115 -6.23 -14.31 -7.52
C SER A 115 -5.32 -15.52 -7.42
N GLN A 116 -5.18 -16.23 -8.55
CA GLN A 116 -4.34 -17.42 -8.62
C GLN A 116 -3.50 -17.39 -9.89
N ARG A 117 -2.25 -17.81 -9.78
CA ARG A 117 -1.38 -18.08 -10.91
C ARG A 117 -0.88 -19.51 -10.76
N ASN A 118 -1.21 -20.36 -11.71
CA ASN A 118 -0.88 -21.77 -11.60
C ASN A 118 0.63 -22.00 -11.61
N THR A 119 1.06 -23.08 -10.93
CA THR A 119 2.47 -23.44 -10.97
C THR A 119 2.85 -24.17 -12.25
N ASN A 120 1.92 -24.92 -12.83
CA ASN A 120 2.18 -25.67 -14.05
C ASN A 120 1.96 -24.80 -15.28
N THR A 121 2.88 -24.91 -16.22
CA THR A 121 2.79 -24.17 -17.48
C THR A 121 2.44 -25.14 -18.61
N GLY A 126 1.85 -21.54 -24.44
CA GLY A 126 3.23 -21.19 -24.74
C GLY A 126 4.15 -21.19 -23.53
N ASN A 127 4.06 -22.25 -22.72
CA ASN A 127 4.81 -22.35 -21.46
C ASN A 127 4.48 -21.21 -20.49
N LEU A 128 3.24 -20.76 -20.52
CA LEU A 128 2.76 -19.75 -19.58
C LEU A 128 1.69 -20.36 -18.68
N PRO A 129 1.61 -19.93 -17.43
CA PRO A 129 0.60 -20.50 -16.53
C PRO A 129 -0.77 -19.86 -16.72
N ALA A 130 -1.80 -20.63 -16.38
CA ALA A 130 -3.17 -20.15 -16.36
C ALA A 130 -3.44 -19.33 -15.11
N ASN A 131 -4.40 -18.41 -15.22
CA ASN A 131 -4.70 -17.45 -14.16
C ASN A 131 -6.21 -17.31 -14.00
N ARG A 132 -6.62 -16.90 -12.81
CA ARG A 132 -8.00 -16.47 -12.58
C ARG A 132 -8.03 -15.59 -11.35
N ALA A 133 -9.01 -14.68 -11.32
CA ALA A 133 -9.24 -13.89 -10.12
C ALA A 133 -10.73 -13.63 -10.02
N HIS A 134 -11.22 -13.55 -8.78
CA HIS A 134 -12.65 -13.36 -8.52
C HIS A 134 -12.82 -12.58 -7.23
N GLU A 135 -13.93 -11.85 -7.15
CA GLU A 135 -14.32 -11.21 -5.90
C GLU A 135 -14.53 -12.28 -4.82
N ALA A 136 -14.15 -11.95 -3.60
CA ALA A 136 -14.27 -12.91 -2.51
C ALA A 136 -14.52 -12.16 -1.21
N VAL A 137 -15.03 -12.89 -0.22
CA VAL A 137 -15.30 -12.32 1.10
C VAL A 137 -14.73 -13.28 2.14
N ILE A 138 -14.01 -12.72 3.12
CA ILE A 138 -13.52 -13.46 4.29
C ILE A 138 -14.25 -12.93 5.50
N ALA A 139 -15.04 -13.80 6.14
CA ALA A 139 -15.75 -13.43 7.38
C ALA A 139 -14.84 -13.75 8.56
N THR A 140 -14.23 -12.72 9.14
CA THR A 140 -13.24 -12.93 10.20
C THR A 140 -13.86 -13.39 11.51
N TYR A 141 -15.18 -13.31 11.66
CA TYR A 141 -15.87 -13.76 12.86
C TYR A 141 -16.31 -15.22 12.76
N SER A 142 -16.19 -15.82 11.59
CA SER A 142 -16.66 -17.17 11.34
C SER A 142 -15.78 -18.20 12.05
N PRO A 143 -16.36 -19.34 12.45
CA PRO A 143 -15.54 -20.43 13.02
C PRO A 143 -14.50 -20.99 12.06
N LYS A 144 -14.66 -20.77 10.76
CA LYS A 144 -13.70 -21.23 9.76
C LYS A 144 -12.52 -20.27 9.57
N PHE A 145 -12.52 -19.14 10.26
CA PHE A 145 -11.38 -18.20 10.23
C PHE A 145 -10.39 -18.65 11.30
N THR A 146 -9.41 -19.45 10.88
CA THR A 146 -8.43 -20.02 11.82
C THR A 146 -6.99 -19.74 11.36
N PRO A 147 -6.63 -18.47 11.12
CA PRO A 147 -5.30 -18.20 10.56
C PRO A 147 -4.16 -18.61 11.46
N LYS A 148 -4.37 -18.62 12.79
CA LYS A 148 -3.34 -19.10 13.71
C LYS A 148 -3.13 -20.60 13.56
N LEU A 149 -4.11 -21.33 13.06
CA LEU A 149 -3.95 -22.74 12.77
C LEU A 149 -3.41 -22.99 11.36
N GLY A 150 -3.14 -21.94 10.58
CA GLY A 150 -2.59 -22.11 9.25
C GLY A 150 -3.59 -22.25 8.11
N ASN A 151 -4.86 -21.94 8.32
CA ASN A 151 -5.80 -22.01 7.21
C ASN A 151 -7.02 -21.13 7.50
N ILE A 152 -7.64 -20.65 6.42
CA ILE A 152 -8.84 -19.82 6.50
C ILE A 152 -9.78 -20.26 5.39
N GLN A 153 -11.00 -19.75 5.46
CA GLN A 153 -12.00 -19.97 4.44
C GLN A 153 -12.35 -18.63 3.81
N PHE A 154 -12.56 -18.64 2.50
CA PHE A 154 -13.12 -17.49 1.82
C PHE A 154 -14.27 -17.98 0.96
N SER A 155 -15.13 -17.03 0.57
CA SER A 155 -16.32 -17.39 -0.19
C SER A 155 -16.42 -16.47 -1.39
N THR A 156 -17.05 -16.97 -2.45
CA THR A 156 -17.10 -16.25 -3.71
C THR A 156 -18.54 -16.23 -4.22
N TRP A 157 -18.82 -15.22 -5.05
CA TRP A 157 -19.98 -15.28 -5.92
C TRP A 157 -19.79 -16.35 -6.99
N GLU A 158 -18.58 -16.40 -7.57
CA GLU A 158 -18.22 -17.42 -8.55
C GLU A 158 -18.47 -18.81 -7.98
N THR A 159 -19.05 -19.69 -8.79
CA THR A 159 -19.45 -20.99 -8.26
C THR A 159 -18.46 -22.11 -8.54
N GLN A 160 -17.51 -21.95 -9.48
CA GLN A 160 -16.67 -23.10 -9.81
C GLN A 160 -15.23 -22.76 -10.18
N ASP A 161 -14.95 -21.52 -10.62
CA ASP A 161 -13.67 -21.22 -11.27
C ASP A 161 -12.62 -20.75 -10.25
N VAL A 162 -12.39 -21.62 -9.26
CA VAL A 162 -11.27 -21.50 -8.32
C VAL A 162 -10.56 -22.86 -8.30
N SER A 163 -9.24 -22.85 -8.46
CA SER A 163 -8.49 -24.08 -8.64
C SER A 163 -7.85 -24.54 -7.33
N SER A 164 -7.92 -25.84 -7.07
CA SER A 164 -7.30 -26.41 -5.90
C SER A 164 -5.81 -26.61 -6.13
N GLY A 165 -5.03 -26.43 -5.06
CA GLY A 165 -3.61 -26.70 -5.11
C GLY A 165 -2.78 -25.67 -5.82
N GLN A 166 -3.33 -24.49 -6.08
CA GLN A 166 -2.62 -23.46 -6.83
C GLN A 166 -2.34 -22.23 -5.95
N PRO A 167 -1.20 -21.57 -6.16
CA PRO A 167 -0.87 -20.39 -5.36
C PRO A 167 -1.97 -19.35 -5.43
N THR A 168 -2.31 -18.78 -4.27
CA THR A 168 -3.49 -17.95 -4.13
C THR A 168 -3.14 -16.71 -3.32
N LYS A 169 -3.66 -15.57 -3.76
CA LYS A 169 -3.44 -14.29 -3.10
C LYS A 169 -4.78 -13.66 -2.78
N PHE A 170 -4.90 -13.03 -1.62
CA PHE A 170 -6.07 -12.21 -1.32
C PHE A 170 -5.63 -10.76 -1.23
N THR A 171 -6.21 -9.93 -2.12
CA THR A 171 -6.00 -8.48 -2.10
C THR A 171 -7.22 -7.84 -1.43
N PRO A 172 -7.06 -7.18 -0.28
CA PRO A 172 -8.22 -6.55 0.36
C PRO A 172 -8.67 -5.31 -0.38
N VAL A 173 -10.00 -5.06 -0.34
CA VAL A 173 -10.55 -3.88 -1.01
C VAL A 173 -11.45 -3.10 -0.05
N GLY A 174 -12.27 -3.79 0.73
CA GLY A 174 -13.17 -3.12 1.64
C GLY A 174 -13.99 -4.09 2.48
N LEU A 175 -15.25 -3.74 2.73
CA LEU A 175 -16.17 -4.61 3.47
C LEU A 175 -17.30 -5.02 2.55
N ALA A 176 -17.86 -6.21 2.79
CA ALA A 176 -19.02 -6.63 2.00
C ALA A 176 -20.28 -5.90 2.44
N SER A 177 -20.45 -5.70 3.74
CA SER A 177 -21.66 -5.14 4.32
C SER A 177 -21.35 -4.69 5.73
N VAL A 178 -22.09 -3.68 6.19
CA VAL A 178 -22.08 -3.34 7.62
C VAL A 178 -23.50 -3.34 8.17
N ASP A 179 -24.39 -4.11 7.56
CA ASP A 179 -25.77 -4.13 8.06
C ASP A 179 -25.82 -4.89 9.38
N ALA A 180 -27.02 -5.00 9.95
CA ALA A 180 -27.18 -5.48 11.31
C ALA A 180 -26.74 -6.93 11.50
N ASN A 181 -26.62 -7.69 10.42
CA ASN A 181 -26.21 -9.10 10.51
C ASN A 181 -24.79 -9.33 10.00
N SER A 182 -24.00 -8.27 9.84
CA SER A 182 -22.68 -8.35 9.25
C SER A 182 -21.55 -8.46 10.26
N HIS A 183 -21.85 -8.34 11.57
CA HIS A 183 -20.84 -8.46 12.64
C HIS A 183 -19.68 -7.48 12.48
N PHE A 184 -19.88 -6.34 11.83
CA PHE A 184 -18.77 -5.39 11.73
C PHE A 184 -18.53 -4.71 13.07
N ASP A 185 -17.32 -4.86 13.61
CA ASP A 185 -16.93 -4.12 14.82
C ASP A 185 -15.41 -4.01 14.79
N GLN A 186 -14.91 -2.80 14.56
CA GLN A 186 -13.47 -2.62 14.37
C GLN A 186 -12.67 -2.89 15.64
N TRP A 187 -13.31 -2.90 16.81
CA TRP A 187 -12.59 -3.14 18.05
C TRP A 187 -12.80 -4.54 18.60
N THR A 188 -13.52 -5.41 17.89
CA THR A 188 -13.64 -6.81 18.30
C THR A 188 -12.64 -7.62 17.50
N LEU A 189 -11.69 -8.26 18.20
CA LEU A 189 -10.67 -9.03 17.51
C LEU A 189 -11.28 -10.31 16.93
N PRO A 190 -10.75 -10.82 15.82
CA PRO A 190 -11.08 -12.19 15.43
C PRO A 190 -10.59 -13.15 16.50
N SER A 191 -11.18 -14.34 16.52
CA SER A 191 -10.62 -15.42 17.33
C SER A 191 -9.70 -16.21 16.41
N TYR A 192 -8.39 -15.91 16.48
CA TYR A 192 -7.46 -16.34 15.44
C TYR A 192 -7.32 -17.86 15.34
N SER A 193 -7.61 -18.61 16.40
CA SER A 193 -7.53 -20.06 16.34
C SER A 193 -8.90 -20.70 16.15
N GLY A 194 -9.92 -19.92 15.82
CA GLY A 194 -11.24 -20.47 15.61
C GLY A 194 -12.20 -20.14 16.75
N ALA A 195 -13.39 -20.71 16.65
CA ALA A 195 -14.49 -20.28 17.49
C ALA A 195 -14.24 -20.69 18.93
N LEU A 196 -14.56 -19.79 19.85
CA LEU A 196 -14.49 -20.08 21.27
C LEU A 196 -13.06 -20.32 21.76
N THR A 197 -12.08 -19.76 21.07
CA THR A 197 -10.68 -19.97 21.41
C THR A 197 -10.09 -18.68 21.96
N LEU A 198 -9.09 -18.82 22.83
CA LEU A 198 -8.40 -17.69 23.43
C LEU A 198 -7.27 -17.20 22.53
N ASN A 199 -7.26 -15.90 22.22
CA ASN A 199 -6.14 -15.28 21.54
C ASN A 199 -4.89 -15.22 22.41
N MET A 200 -3.73 -15.34 21.77
CA MET A 200 -2.44 -15.38 22.45
C MET A 200 -1.50 -14.35 21.84
N ASN A 201 -0.50 -13.94 22.63
CA ASN A 201 0.60 -13.09 22.16
C ASN A 201 0.11 -11.76 21.60
N LEU A 202 -0.95 -11.21 22.18
CA LEU A 202 -1.53 -9.97 21.67
C LEU A 202 -0.70 -8.76 22.06
N ALA A 203 -0.70 -7.78 21.18
CA ALA A 203 -0.23 -6.46 21.60
C ALA A 203 -1.17 -5.93 22.67
N PRO A 204 -0.66 -5.21 23.66
CA PRO A 204 -1.50 -4.86 24.82
C PRO A 204 -2.57 -3.85 24.46
N SER A 205 -3.61 -3.81 25.29
CA SER A 205 -4.65 -2.83 25.09
C SER A 205 -4.11 -1.44 25.40
N VAL A 206 -4.79 -0.42 24.85
CA VAL A 206 -4.38 0.97 25.03
C VAL A 206 -5.57 1.76 25.56
N ALA A 207 -5.28 2.72 26.42
CA ALA A 207 -6.31 3.53 27.06
C ALA A 207 -5.67 4.80 27.58
N PRO A 208 -6.41 5.90 27.67
CA PRO A 208 -5.92 7.05 28.43
C PRO A 208 -6.01 6.81 29.92
N VAL A 209 -4.97 7.21 30.63
CA VAL A 209 -4.94 7.12 32.08
C VAL A 209 -5.15 8.48 32.73
N PHE A 210 -4.70 9.55 32.10
CA PHE A 210 -4.82 10.88 32.65
C PHE A 210 -6.26 11.36 32.53
N PRO A 211 -6.80 12.01 33.56
CA PRO A 211 -8.16 12.56 33.45
C PRO A 211 -8.24 13.63 32.37
N GLY A 212 -9.35 13.61 31.63
CA GLY A 212 -9.55 14.55 30.55
C GLY A 212 -8.95 14.15 29.23
N GLU A 213 -8.17 13.07 29.19
CA GLU A 213 -7.53 12.64 27.95
C GLU A 213 -8.33 11.55 27.25
N CYS A 214 -8.19 11.50 25.94
CA CYS A 214 -8.81 10.47 25.12
C CYS A 214 -7.82 10.08 24.04
N LEU A 215 -8.03 8.90 23.47
CA LEU A 215 -7.21 8.47 22.35
C LEU A 215 -7.44 9.35 21.13
N LEU A 216 -6.39 9.56 20.36
CA LEU A 216 -6.47 10.24 19.07
C LEU A 216 -6.15 9.23 17.98
N PHE A 217 -7.05 9.10 17.01
CA PHE A 217 -6.95 8.09 15.97
C PHE A 217 -6.70 8.73 14.61
N PHE A 218 -6.07 7.95 13.74
CA PHE A 218 -5.99 8.27 12.32
C PHE A 218 -7.09 7.46 11.61
N ARG A 219 -8.10 8.13 11.10
CA ARG A 219 -9.30 7.48 10.59
C ARG A 219 -9.30 7.44 9.07
N SER A 220 -9.69 6.27 8.52
CA SER A 220 -9.93 6.09 7.09
C SER A 220 -11.32 5.51 6.89
N PHE A 221 -11.97 5.93 5.80
CA PHE A 221 -13.28 5.39 5.45
C PHE A 221 -13.08 4.25 4.47
N ILE A 222 -13.76 3.13 4.70
CA ILE A 222 -13.48 1.87 4.02
C ILE A 222 -14.59 1.59 3.03
N PRO A 223 -14.28 1.21 1.79
CA PRO A 223 -15.31 0.94 0.77
C PRO A 223 -16.24 -0.20 1.17
N LEU A 224 -17.44 -0.17 0.57
CA LEU A 224 -18.46 -1.20 0.76
C LEU A 224 -18.88 -1.80 -0.58
N LYS A 225 -19.05 -3.13 -0.60
CA LYS A 225 -19.57 -3.81 -1.78
C LYS A 225 -21.03 -3.44 -2.04
N GLY A 226 -21.81 -3.22 -0.98
CA GLY A 226 -23.22 -2.93 -1.16
C GLY A 226 -23.83 -2.52 0.16
N GLY A 227 -25.11 -2.21 0.11
CA GLY A 227 -25.84 -1.84 1.31
C GLY A 227 -25.55 -0.41 1.74
N TYR A 228 -26.06 -0.07 2.91
CA TYR A 228 -25.96 1.26 3.49
C TYR A 228 -24.87 1.30 4.54
N GLY A 229 -24.23 2.46 4.67
CA GLY A 229 -23.27 2.68 5.73
C GLY A 229 -22.17 3.62 5.29
N ASN A 230 -21.40 4.08 6.28
CA ASN A 230 -20.17 4.85 6.04
C ASN A 230 -19.09 4.35 7.01
N PRO A 231 -18.70 3.07 6.89
CA PRO A 231 -17.80 2.49 7.89
C PRO A 231 -16.42 3.11 7.84
N ALA A 232 -15.76 3.12 8.99
CA ALA A 232 -14.44 3.69 9.14
C ALA A 232 -13.56 2.74 9.94
N ILE A 233 -12.25 2.84 9.69
CA ILE A 233 -11.24 2.08 10.43
C ILE A 233 -10.28 3.08 11.06
N ASP A 234 -10.10 2.98 12.38
CA ASP A 234 -9.24 3.91 13.11
C ASP A 234 -7.95 3.20 13.50
N CYS A 235 -6.81 3.79 13.17
CA CYS A 235 -5.56 3.21 13.61
C CYS A 235 -4.86 4.13 14.61
N LEU A 236 -4.04 3.52 15.47
CA LEU A 236 -3.35 4.28 16.50
C LEU A 236 -2.20 5.10 15.91
N MET A 237 -1.55 4.61 14.88
CA MET A 237 -0.45 5.30 14.22
C MET A 237 -0.50 4.90 12.75
N PRO A 238 -0.19 5.81 11.85
CA PRO A 238 -0.17 5.44 10.43
C PRO A 238 0.98 4.49 10.14
N GLN A 239 0.85 3.79 8.99
CA GLN A 239 1.86 2.80 8.64
C GLN A 239 3.24 3.44 8.45
N GLU A 240 3.28 4.68 7.98
CA GLU A 240 4.57 5.36 7.83
C GLU A 240 5.25 5.60 9.16
N TRP A 241 4.48 5.75 10.25
CA TRP A 241 5.11 5.86 11.56
C TRP A 241 5.67 4.53 12.00
N VAL A 242 4.92 3.44 11.79
CA VAL A 242 5.45 2.10 12.05
C VAL A 242 6.77 1.92 11.33
N GLN A 243 6.81 2.27 10.05
CA GLN A 243 8.03 2.08 9.26
C GLN A 243 9.16 2.95 9.80
N HIS A 244 8.84 4.19 10.20
CA HIS A 244 9.88 5.10 10.69
C HIS A 244 10.43 4.66 12.03
N LEU A 245 9.54 4.35 12.98
CA LEU A 245 9.97 3.95 14.31
C LEU A 245 10.83 2.69 14.24
N TYR A 246 10.45 1.76 13.38
CA TYR A 246 11.24 0.54 13.21
C TYR A 246 12.65 0.83 12.71
N GLN A 247 12.77 1.74 11.74
CA GLN A 247 14.09 2.12 11.20
CA GLN A 247 14.11 2.05 11.22
C GLN A 247 14.96 2.77 12.26
N GLU A 248 14.39 3.70 13.01
CA GLU A 248 15.19 4.55 13.87
C GLU A 248 15.62 3.83 15.14
N SER A 249 14.73 3.04 15.75
CA SER A 249 15.04 2.32 16.99
C SER A 249 15.59 3.27 18.05
N ALA A 250 15.00 4.46 18.14
CA ALA A 250 15.51 5.54 18.97
C ALA A 250 15.17 5.29 20.44
N PRO A 251 16.11 5.46 21.36
CA PRO A 251 15.82 5.25 22.78
C PRO A 251 14.71 6.17 23.26
N SER A 252 13.72 5.59 23.93
CA SER A 252 12.68 6.35 24.59
C SER A 252 13.26 6.91 25.89
N LEU A 253 13.36 8.23 26.00
CA LEU A 253 13.99 8.82 27.17
C LEU A 253 13.00 9.01 28.32
N SER A 254 11.72 8.79 28.07
CA SER A 254 10.71 8.64 29.11
C SER A 254 9.58 7.80 28.53
N ASP A 255 8.51 7.63 29.29
CA ASP A 255 7.37 6.86 28.81
C ASP A 255 6.45 7.66 27.89
N VAL A 256 6.64 8.98 27.77
CA VAL A 256 5.71 9.85 27.07
C VAL A 256 6.49 10.91 26.31
N ALA A 257 6.24 11.00 25.00
CA ALA A 257 6.77 12.08 24.17
C ALA A 257 5.70 13.14 23.94
N LEU A 258 6.04 14.39 24.22
CA LEU A 258 5.18 15.51 23.86
C LEU A 258 5.38 15.84 22.39
N VAL A 259 4.29 15.86 21.63
CA VAL A 259 4.32 16.17 20.21
C VAL A 259 3.33 17.29 19.93
N ARG A 260 3.64 18.09 18.92
CA ARG A 260 2.79 19.21 18.52
C ARG A 260 2.35 19.02 17.08
N TYR A 261 1.07 19.28 16.82
CA TYR A 261 0.55 19.26 15.46
C TYR A 261 0.64 20.68 14.93
N VAL A 262 1.54 20.90 13.97
CA VAL A 262 1.94 22.25 13.58
C VAL A 262 1.47 22.50 12.15
N ASN A 263 1.05 23.75 11.90
CA ASN A 263 0.75 24.20 10.55
C ASN A 263 1.99 24.88 10.00
N PRO A 264 2.72 24.26 9.06
CA PRO A 264 3.97 24.86 8.60
C PRO A 264 3.77 26.12 7.77
N GLU A 265 2.58 26.32 7.21
CA GLU A 265 2.32 27.57 6.48
C GLU A 265 2.34 28.76 7.43
N THR A 266 1.81 28.58 8.64
CA THR A 266 1.78 29.63 9.65
C THR A 266 2.81 29.43 10.75
N GLY A 267 3.27 28.20 10.97
CA GLY A 267 4.21 27.91 12.03
C GLY A 267 3.57 27.58 13.35
N ARG A 268 2.28 27.81 13.50
CA ARG A 268 1.62 27.72 14.79
C ARG A 268 1.24 26.29 15.14
N THR A 269 1.33 25.97 16.43
CA THR A 269 0.81 24.71 16.94
C THR A 269 -0.72 24.75 16.96
N LEU A 270 -1.34 23.76 16.32
CA LEU A 270 -2.79 23.64 16.39
C LEU A 270 -3.24 22.97 17.68
N PHE A 271 -2.54 21.92 18.09
CA PHE A 271 -2.79 21.26 19.36
C PHE A 271 -1.55 20.42 19.70
N GLU A 272 -1.50 19.97 20.95
CA GLU A 272 -0.45 19.09 21.40
C GLU A 272 -1.05 17.76 21.81
N ALA A 273 -0.21 16.73 21.85
CA ALA A 273 -0.66 15.39 22.17
C ALA A 273 0.48 14.66 22.89
N LYS A 274 0.11 13.62 23.62
CA LYS A 274 1.09 12.69 24.20
C LYS A 274 1.26 11.51 23.27
N LEU A 275 2.51 11.21 22.93
CA LEU A 275 2.85 10.01 22.18
C LEU A 275 3.45 9.01 23.18
N HIS A 276 2.69 7.96 23.48
CA HIS A 276 3.07 7.01 24.52
C HIS A 276 4.02 5.96 23.98
N ARG A 277 4.84 5.41 24.90
CA ARG A 277 5.89 4.47 24.53
C ARG A 277 5.36 3.27 23.77
N ASN A 278 4.15 2.80 24.08
CA ASN A 278 3.60 1.62 23.42
CA ASN A 278 3.64 1.61 23.41
C ASN A 278 3.07 1.92 22.03
N GLY A 279 3.06 3.17 21.61
CA GLY A 279 2.69 3.50 20.24
C GLY A 279 1.27 3.99 20.06
N PHE A 280 0.87 5.01 20.80
CA PHE A 280 -0.47 5.59 20.62
C PHE A 280 -0.47 7.01 21.14
N LEU A 281 -1.46 7.77 20.71
CA LEU A 281 -1.59 9.19 21.02
C LEU A 281 -2.78 9.45 21.94
N THR A 282 -2.63 10.38 22.87
CA THR A 282 -3.77 10.93 23.59
C THR A 282 -3.78 12.44 23.48
N VAL A 283 -4.98 13.02 23.60
CA VAL A 283 -5.18 14.46 23.57
C VAL A 283 -6.14 14.82 24.69
N ALA A 284 -6.10 16.09 25.09
CA ALA A 284 -7.05 16.60 26.09
C ALA A 284 -8.21 17.20 25.33
N ARG A 285 -9.21 16.37 25.02
CA ARG A 285 -10.37 16.79 24.26
C ARG A 285 -11.61 16.19 24.90
N ASN A 286 -12.67 16.98 24.98
CA ASN A 286 -13.92 16.57 25.63
C ASN A 286 -15.06 16.38 24.64
N SER A 287 -14.76 16.12 23.36
CA SER A 287 -15.78 15.92 22.34
C SER A 287 -15.40 14.76 21.44
N ALA A 288 -16.41 14.12 20.87
CA ALA A 288 -16.23 13.06 19.89
C ALA A 288 -16.35 13.59 18.46
N GLY A 289 -15.61 12.99 17.55
CA GLY A 289 -15.75 13.30 16.14
C GLY A 289 -14.45 13.69 15.49
N PRO A 290 -14.53 14.12 14.24
CA PRO A 290 -13.31 14.46 13.49
C PRO A 290 -12.62 15.68 14.07
N VAL A 291 -11.32 15.76 13.78
CA VAL A 291 -10.54 16.96 14.02
C VAL A 291 -10.53 17.72 12.70
N VAL A 292 -11.14 18.90 12.68
CA VAL A 292 -11.21 19.73 11.48
C VAL A 292 -9.93 20.56 11.46
N ALA A 293 -8.96 20.12 10.67
CA ALA A 293 -7.64 20.73 10.62
C ALA A 293 -7.08 20.54 9.23
N PRO A 294 -6.23 21.44 8.75
CA PRO A 294 -5.68 21.28 7.39
C PRO A 294 -4.76 20.08 7.30
N THR A 295 -4.82 19.40 6.15
CA THR A 295 -4.05 18.18 5.93
C THR A 295 -2.58 18.45 5.66
N ASN A 296 -2.18 19.71 5.55
CA ASN A 296 -0.76 20.05 5.44
C ASN A 296 -0.07 20.14 6.80
N GLY A 297 -0.80 19.95 7.90
CA GLY A 297 -0.16 19.89 9.20
C GLY A 297 0.53 18.56 9.46
N TYR A 298 1.40 18.56 10.46
CA TYR A 298 2.15 17.34 10.77
C TYR A 298 2.54 17.36 12.24
N PHE A 299 2.79 16.17 12.78
CA PHE A 299 3.21 16.02 14.16
C PHE A 299 4.73 16.21 14.27
N ARG A 300 5.13 17.00 15.26
CA ARG A 300 6.54 17.30 15.49
C ARG A 300 6.89 16.91 16.92
N PHE A 301 7.98 16.16 17.08
CA PHE A 301 8.44 15.80 18.41
C PHE A 301 8.98 17.04 19.11
N ASP A 302 8.50 17.30 20.33
CA ASP A 302 8.97 18.44 21.12
CA ASP A 302 8.98 18.44 21.11
C ASP A 302 9.92 18.00 22.24
N SER A 303 9.46 17.14 23.14
CA SER A 303 10.28 16.76 24.27
C SER A 303 9.72 15.51 24.94
N TRP A 304 10.56 14.89 25.75
CA TRP A 304 10.13 13.83 26.64
C TRP A 304 9.55 14.44 27.91
N VAL A 305 8.39 13.96 28.32
CA VAL A 305 7.77 14.44 29.55
C VAL A 305 7.50 13.21 30.42
N ASN A 306 6.73 13.39 31.50
CA ASN A 306 6.37 12.25 32.33
C ASN A 306 4.87 12.04 32.27
N GLN A 307 4.41 10.99 32.96
CA GLN A 307 3.00 10.63 32.94
C GLN A 307 2.11 11.68 33.61
N PHE A 308 2.70 12.59 34.39
CA PHE A 308 1.96 13.62 35.09
C PHE A 308 1.88 14.94 34.32
N TYR A 309 2.46 15.02 33.12
CA TYR A 309 2.36 16.23 32.32
C TYR A 309 0.91 16.49 31.92
N THR A 310 0.48 17.74 32.06
CA THR A 310 -0.90 18.14 31.73
C THR A 310 -0.92 18.77 30.35
N LEU A 311 -1.65 18.14 29.43
CA LEU A 311 -1.77 18.67 28.08
C LEU A 311 -2.62 19.92 28.04
N ALA A 312 -2.25 20.85 27.17
CA ALA A 312 -3.14 21.97 26.86
C ALA A 312 -4.39 21.43 26.19
N PRO A 313 -5.58 21.90 26.59
CA PRO A 313 -6.82 21.37 26.01
C PRO A 313 -6.89 21.61 24.51
N MET A 314 -7.49 20.64 23.81
CA MET A 314 -7.68 20.75 22.37
C MET A 314 -8.92 21.57 22.05
N LYS B 1 24.23 17.34 5.25
CA LYS B 1 23.49 16.17 5.74
C LYS B 1 23.79 14.93 4.92
N PRO B 2 24.30 13.89 5.56
CA PRO B 2 24.74 12.70 4.82
C PRO B 2 23.57 11.94 4.19
N PHE B 3 23.84 11.41 3.00
CA PHE B 3 22.88 10.56 2.29
C PHE B 3 22.78 9.18 2.95
N THR B 4 21.55 8.66 3.04
CA THR B 4 21.31 7.34 3.59
C THR B 4 20.21 6.64 2.80
N LEU B 5 20.25 5.30 2.85
CA LEU B 5 19.12 4.49 2.41
C LEU B 5 18.46 3.83 3.61
N PRO B 6 17.19 3.49 3.53
CA PRO B 6 16.56 2.75 4.63
C PRO B 6 17.21 1.38 4.79
N ILE B 7 17.18 0.84 6.00
CA ILE B 7 17.64 -0.54 6.23
C ILE B 7 16.39 -1.41 6.16
N LEU B 8 16.02 -1.75 4.92
CA LEU B 8 14.88 -2.61 4.66
C LEU B 8 15.32 -3.71 3.72
N THR B 9 15.01 -4.94 4.07
CA THR B 9 15.30 -6.08 3.21
C THR B 9 14.32 -6.11 2.04
N LEU B 10 14.62 -6.97 1.05
CA LEU B 10 13.70 -7.15 -0.07
C LEU B 10 12.31 -7.55 0.39
N GLY B 11 12.24 -8.37 1.45
CA GLY B 11 10.93 -8.74 1.93
C GLY B 11 10.23 -7.65 2.73
N GLU B 12 10.84 -6.48 2.84
CA GLU B 12 10.21 -5.34 3.50
C GLU B 12 10.03 -4.16 2.56
N LEU B 13 10.07 -4.41 1.25
CA LEU B 13 9.93 -3.37 0.22
C LEU B 13 8.70 -3.63 -0.64
N THR B 14 8.12 -2.55 -1.16
CA THR B 14 6.99 -2.65 -2.07
C THR B 14 7.26 -1.89 -3.36
N ASN B 15 6.54 -2.27 -4.40
CA ASN B 15 6.71 -1.68 -5.71
C ASN B 15 6.15 -0.26 -5.73
N SER B 16 6.84 0.63 -6.43
CA SER B 16 6.40 2.01 -6.53
C SER B 16 5.54 2.28 -7.76
N ARG B 17 5.33 1.27 -8.60
CA ARG B 17 4.58 1.42 -9.83
C ARG B 17 3.27 0.65 -9.83
N PHE B 18 3.07 -0.22 -8.85
CA PHE B 18 1.82 -0.94 -8.65
C PHE B 18 1.82 -1.43 -7.22
N PRO B 19 0.65 -1.48 -6.55
CA PRO B 19 0.62 -1.90 -5.14
C PRO B 19 0.90 -3.38 -4.93
N LEU B 20 2.17 -3.75 -4.95
CA LEU B 20 2.62 -5.13 -4.85
C LEU B 20 3.89 -5.18 -4.01
N PRO B 21 4.12 -6.28 -3.28
CA PRO B 21 5.42 -6.47 -2.65
C PRO B 21 6.48 -6.69 -3.71
N ILE B 22 7.72 -6.32 -3.39
CA ILE B 22 8.84 -6.66 -4.26
C ILE B 22 9.09 -8.16 -4.17
N ASP B 23 9.17 -8.81 -5.33
CA ASP B 23 9.42 -10.25 -5.32
C ASP B 23 10.88 -10.61 -5.56
N VAL B 24 11.56 -9.93 -6.49
CA VAL B 24 12.93 -10.28 -6.81
C VAL B 24 13.60 -9.07 -7.46
N LEU B 25 14.93 -8.99 -7.33
CA LEU B 25 15.70 -8.09 -8.16
C LEU B 25 15.85 -8.71 -9.55
N TYR B 26 16.04 -7.86 -10.56
CA TYR B 26 15.90 -8.34 -11.93
C TYR B 26 16.67 -7.46 -12.90
N THR B 27 17.29 -8.08 -13.91
CA THR B 27 17.89 -7.34 -15.01
C THR B 27 17.38 -7.86 -16.35
N ASN B 28 17.40 -6.98 -17.35
CA ASN B 28 17.08 -7.37 -18.73
C ASN B 28 17.91 -6.49 -19.65
N PRO B 29 19.17 -6.85 -19.89
CA PRO B 29 20.06 -5.98 -20.69
C PRO B 29 19.59 -5.76 -22.11
N ASN B 30 18.92 -6.73 -22.72
CA ASN B 30 18.51 -6.65 -24.11
C ASN B 30 17.22 -5.87 -24.31
N GLU B 31 16.70 -5.24 -23.26
CA GLU B 31 15.51 -4.41 -23.40
C GLU B 31 15.70 -3.38 -24.51
N SER B 32 14.78 -3.38 -25.47
CA SER B 32 14.84 -2.45 -26.59
C SER B 32 14.08 -1.16 -26.34
N ALA B 33 13.12 -1.18 -25.41
CA ALA B 33 12.31 0.00 -25.17
C ALA B 33 13.09 1.04 -24.37
N ILE B 34 12.63 2.29 -24.48
CA ILE B 34 13.15 3.38 -23.66
C ILE B 34 12.46 3.33 -22.30
N VAL B 35 13.26 3.29 -21.23
CA VAL B 35 12.74 3.16 -19.88
C VAL B 35 12.47 4.57 -19.34
N GLN B 36 11.19 4.91 -19.19
CA GLN B 36 10.82 6.26 -18.78
C GLN B 36 9.55 6.21 -17.94
N CYS B 37 9.51 5.31 -16.94
CA CYS B 37 8.33 5.24 -16.10
C CYS B 37 8.19 6.54 -15.29
N GLN B 38 6.96 6.78 -14.82
CA GLN B 38 6.62 8.05 -14.20
C GLN B 38 6.23 7.93 -12.73
N ASN B 39 5.91 6.73 -12.27
CA ASN B 39 5.76 6.45 -10.85
C ASN B 39 7.05 5.84 -10.32
N GLY B 40 7.27 6.02 -9.03
CA GLY B 40 8.51 5.59 -8.42
C GLY B 40 9.71 6.38 -8.89
N ARG B 41 9.54 7.67 -9.14
CA ARG B 41 10.60 8.53 -9.67
C ARG B 41 10.92 9.59 -8.62
N CYS B 42 12.17 9.59 -8.16
CA CYS B 42 12.59 10.49 -7.11
C CYS B 42 14.10 10.63 -7.21
N THR B 43 14.59 11.87 -7.20
CA THR B 43 16.03 12.06 -7.21
C THR B 43 16.60 11.70 -5.85
N LEU B 44 17.92 11.48 -5.81
CA LEU B 44 18.52 11.12 -4.53
C LEU B 44 18.44 12.25 -3.51
N ASP B 45 18.26 13.50 -3.93
CA ASP B 45 18.05 14.54 -2.93
C ASP B 45 16.58 14.78 -2.61
N GLY B 46 15.69 13.92 -3.08
CA GLY B 46 14.33 13.88 -2.57
C GLY B 46 13.28 14.62 -3.38
N GLU B 47 13.55 14.95 -4.63
CA GLU B 47 12.57 15.61 -5.50
C GLU B 47 11.75 14.54 -6.21
N LEU B 48 10.46 14.46 -5.89
CA LEU B 48 9.56 13.59 -6.62
C LEU B 48 9.43 14.06 -8.05
N GLN B 49 9.34 13.13 -9.00
CA GLN B 49 9.22 13.49 -10.42
C GLN B 49 8.08 12.71 -11.06
N GLY B 50 7.71 13.13 -12.27
CA GLY B 50 6.65 12.42 -12.98
C GLY B 50 5.33 12.52 -12.24
N THR B 51 4.63 11.39 -12.15
CA THR B 51 3.37 11.30 -11.41
C THR B 51 3.56 10.73 -10.02
N THR B 52 4.79 10.72 -9.52
CA THR B 52 5.09 10.05 -8.26
C THR B 52 4.54 10.83 -7.09
N GLN B 53 3.89 10.11 -6.16
CA GLN B 53 3.42 10.68 -4.92
C GLN B 53 3.76 9.69 -3.80
N LEU B 54 3.47 10.06 -2.56
CA LEU B 54 4.04 9.33 -1.44
C LEU B 54 3.19 8.15 -0.95
N LEU B 55 1.89 8.14 -1.23
CA LEU B 55 1.00 7.14 -0.65
C LEU B 55 1.13 5.82 -1.38
N PRO B 56 1.44 4.72 -0.70
CA PRO B 56 1.37 3.40 -1.37
C PRO B 56 -0.01 3.12 -1.93
N THR B 57 -1.06 3.64 -1.28
CA THR B 57 -2.43 3.46 -1.71
C THR B 57 -2.80 4.35 -2.91
N GLY B 58 -1.92 5.27 -3.29
CA GLY B 58 -2.22 6.13 -4.41
C GLY B 58 -1.73 5.62 -5.74
N ILE B 59 -0.90 4.58 -5.74
CA ILE B 59 -0.26 4.10 -6.95
C ILE B 59 -1.29 3.38 -7.81
N CYS B 60 -1.51 3.89 -9.02
CA CYS B 60 -2.51 3.38 -9.97
C CYS B 60 -3.92 3.45 -9.43
N ALA B 61 -4.18 4.33 -8.49
CA ALA B 61 -5.52 4.57 -7.99
C ALA B 61 -6.08 5.84 -8.60
N PHE B 62 -7.42 5.93 -8.62
CA PHE B 62 -8.11 7.13 -9.07
C PHE B 62 -9.21 7.46 -8.07
N ARG B 63 -9.49 8.75 -7.96
CA ARG B 63 -10.64 9.26 -7.23
C ARG B 63 -11.39 10.19 -8.16
N GLY B 64 -12.72 10.19 -8.06
CA GLY B 64 -13.51 11.06 -8.92
C GLY B 64 -15.00 10.79 -8.79
N LYS B 65 -15.71 11.01 -9.90
CA LYS B 65 -17.16 10.82 -9.92
C LYS B 65 -17.57 10.36 -11.31
N VAL B 66 -18.42 9.32 -11.37
CA VAL B 66 -18.98 8.88 -12.65
C VAL B 66 -19.90 9.97 -13.17
N THR B 67 -19.75 10.32 -14.45
CA THR B 67 -20.66 11.29 -15.06
C THR B 67 -21.82 10.63 -15.80
N GLN B 68 -21.58 9.55 -16.52
CA GLN B 68 -22.61 8.87 -17.29
C GLN B 68 -22.06 7.56 -17.82
N GLN B 69 -22.96 6.63 -18.12
CA GLN B 69 -22.63 5.51 -18.99
C GLN B 69 -22.38 6.03 -20.40
N VAL B 70 -21.45 5.38 -21.10
CA VAL B 70 -21.10 5.80 -22.46
C VAL B 70 -21.17 4.63 -23.44
N GLN B 71 -21.42 4.96 -24.69
CA GLN B 71 -21.45 3.99 -25.79
C GLN B 71 -20.05 3.77 -26.33
N ASP B 72 -19.73 2.51 -26.64
CA ASP B 72 -18.41 2.13 -27.12
C ASP B 72 -18.60 0.88 -27.97
N GLU B 73 -17.89 0.80 -29.09
CA GLU B 73 -18.05 -0.33 -30.00
C GLU B 73 -17.55 -1.63 -29.41
N HIS B 74 -16.81 -1.58 -28.31
CA HIS B 74 -16.28 -2.77 -27.67
C HIS B 74 -17.32 -3.39 -26.74
N ARG B 75 -17.27 -4.71 -26.62
CA ARG B 75 -18.15 -5.42 -25.71
C ARG B 75 -17.92 -4.94 -24.27
N GLY B 76 -18.94 -5.10 -23.44
CA GLY B 76 -18.91 -4.67 -22.05
C GLY B 76 -19.73 -3.40 -21.84
N THR B 77 -19.67 -2.91 -20.62
CA THR B 77 -20.43 -1.75 -20.18
C THR B 77 -19.45 -0.65 -19.78
N HIS B 78 -19.66 0.56 -20.30
CA HIS B 78 -18.62 1.58 -20.26
C HIS B 78 -19.11 2.83 -19.54
N TRP B 79 -18.22 3.45 -18.77
CA TRP B 79 -18.56 4.54 -17.87
C TRP B 79 -17.52 5.64 -17.97
N ASN B 80 -17.98 6.88 -17.98
CA ASN B 80 -17.08 8.04 -17.93
C ASN B 80 -16.99 8.54 -16.49
N MET B 81 -15.77 8.82 -16.04
CA MET B 81 -15.61 9.42 -14.71
C MET B 81 -14.65 10.60 -14.80
N THR B 82 -15.00 11.69 -14.13
CA THR B 82 -14.03 12.73 -13.89
C THR B 82 -13.03 12.23 -12.86
N VAL B 83 -11.79 12.71 -12.96
CA VAL B 83 -10.77 12.33 -11.99
C VAL B 83 -10.30 13.60 -11.30
N THR B 84 -10.18 13.52 -9.98
CA THR B 84 -9.66 14.57 -9.14
C THR B 84 -8.26 14.18 -8.68
N ASN B 85 -7.63 15.06 -7.89
CA ASN B 85 -6.48 14.62 -7.14
C ASN B 85 -6.90 13.53 -6.16
N LEU B 86 -5.92 12.72 -5.74
CA LEU B 86 -6.24 11.59 -4.87
C LEU B 86 -6.90 12.03 -3.56
N ASN B 87 -6.61 13.25 -3.08
CA ASN B 87 -7.22 13.70 -1.84
C ASN B 87 -8.60 14.32 -2.04
N GLY B 88 -9.14 14.28 -3.25
CA GLY B 88 -10.48 14.78 -3.52
C GLY B 88 -10.56 16.18 -4.06
N THR B 89 -9.50 16.98 -3.94
CA THR B 89 -9.52 18.31 -4.51
C THR B 89 -9.47 18.23 -6.04
N PRO B 90 -10.04 19.21 -6.74
CA PRO B 90 -10.06 19.14 -8.21
C PRO B 90 -8.66 19.17 -8.79
N PHE B 91 -8.47 18.40 -9.86
CA PHE B 91 -7.18 18.37 -10.53
C PHE B 91 -7.00 19.63 -11.37
N ASP B 92 -5.85 20.29 -11.20
CA ASP B 92 -5.52 21.51 -11.94
C ASP B 92 -4.69 21.13 -13.16
N PRO B 93 -5.28 21.09 -14.36
CA PRO B 93 -4.49 20.67 -15.54
C PRO B 93 -3.30 21.57 -15.82
N THR B 94 -3.25 22.78 -15.26
CA THR B 94 -2.11 23.66 -15.47
C THR B 94 -0.93 23.31 -14.57
N GLU B 95 -1.10 22.40 -13.63
CA GLU B 95 0.01 22.00 -12.78
C GLU B 95 1.09 21.32 -13.61
N ASP B 96 2.34 21.48 -13.16
CA ASP B 96 3.50 20.97 -13.89
C ASP B 96 3.72 19.47 -13.61
N VAL B 97 2.70 18.69 -13.92
CA VAL B 97 2.77 17.24 -13.77
C VAL B 97 2.25 16.60 -15.04
N PRO B 98 2.61 15.35 -15.33
CA PRO B 98 2.09 14.68 -16.53
C PRO B 98 0.61 14.38 -16.44
N ALA B 99 0.05 14.26 -15.24
CA ALA B 99 -1.29 13.75 -14.99
C ALA B 99 -1.50 13.78 -13.49
N PRO B 100 -2.71 13.52 -12.98
CA PRO B 100 -2.88 13.45 -11.52
C PRO B 100 -1.89 12.47 -10.92
N LEU B 101 -1.29 12.84 -9.79
CA LEU B 101 -0.28 11.98 -9.19
C LEU B 101 -0.91 10.63 -8.83
N GLY B 102 -0.17 9.56 -9.08
CA GLY B 102 -0.65 8.19 -8.94
C GLY B 102 -1.21 7.58 -10.20
N THR B 103 -1.51 8.38 -11.23
CA THR B 103 -2.01 7.84 -12.50
C THR B 103 -1.09 6.71 -12.98
N PRO B 104 -1.64 5.60 -13.46
CA PRO B 104 -0.80 4.53 -14.05
C PRO B 104 0.16 5.05 -15.10
N ASP B 105 1.36 4.47 -15.17
CA ASP B 105 2.39 4.93 -16.10
C ASP B 105 2.70 3.90 -17.19
N PHE B 106 1.78 3.00 -17.49
CA PHE B 106 2.06 2.01 -18.52
C PHE B 106 0.80 1.67 -19.28
N SER B 107 1.00 1.12 -20.47
CA SER B 107 -0.05 0.66 -21.35
C SER B 107 -0.54 -0.71 -20.88
N GLY B 108 -1.84 -0.84 -20.64
CA GLY B 108 -2.40 -2.15 -20.35
C GLY B 108 -3.85 -2.04 -19.96
N GLN B 109 -4.45 -3.22 -19.71
CA GLN B 109 -5.82 -3.30 -19.21
C GLN B 109 -5.74 -3.49 -17.71
N ILE B 110 -5.87 -2.40 -16.97
CA ILE B 110 -5.66 -2.45 -15.53
C ILE B 110 -6.96 -2.86 -14.87
N TYR B 111 -6.87 -3.90 -14.05
CA TYR B 111 -8.02 -4.54 -13.44
C TYR B 111 -8.08 -4.17 -11.97
N GLY B 112 -9.28 -3.83 -11.51
CA GLY B 112 -9.45 -3.50 -10.12
C GLY B 112 -10.91 -3.45 -9.73
N VAL B 113 -11.21 -2.68 -8.69
CA VAL B 113 -12.58 -2.55 -8.19
C VAL B 113 -12.94 -1.08 -8.16
N ILE B 114 -14.05 -0.75 -8.78
CA ILE B 114 -14.68 0.55 -8.65
C ILE B 114 -15.67 0.47 -7.50
N SER B 115 -15.57 1.40 -6.55
CA SER B 115 -16.52 1.45 -5.44
C SER B 115 -17.08 2.86 -5.34
N GLN B 116 -18.30 2.96 -4.82
CA GLN B 116 -18.99 4.23 -4.66
C GLN B 116 -19.69 4.30 -3.31
N ARG B 117 -19.64 5.49 -2.71
CA ARG B 117 -20.44 5.84 -1.54
C ARG B 117 -21.19 7.11 -1.86
N ASN B 118 -22.53 7.03 -1.84
CA ASN B 118 -23.34 8.16 -2.25
C ASN B 118 -23.16 9.35 -1.31
N THR B 119 -23.32 10.55 -1.85
CA THR B 119 -23.29 11.75 -1.01
C THR B 119 -24.64 11.99 -0.34
N ASN B 120 -25.73 11.59 -0.97
CA ASN B 120 -27.05 11.76 -0.38
C ASN B 120 -27.36 10.57 0.53
N THR B 121 -27.92 10.87 1.70
CA THR B 121 -28.26 9.84 2.68
C THR B 121 -29.76 9.61 2.74
N GLY B 126 -31.42 5.20 7.83
CA GLY B 126 -30.98 5.86 9.05
C GLY B 126 -29.92 6.92 8.82
N ASN B 127 -30.16 7.78 7.82
CA ASN B 127 -29.22 8.83 7.41
C ASN B 127 -27.88 8.24 7.00
N LEU B 128 -27.89 7.03 6.42
CA LEU B 128 -26.66 6.44 5.92
C LEU B 128 -26.71 6.33 4.40
N PRO B 129 -25.58 6.51 3.71
CA PRO B 129 -25.58 6.48 2.25
C PRO B 129 -25.54 5.06 1.69
N ALA B 130 -26.04 4.94 0.46
CA ALA B 130 -25.99 3.70 -0.30
C ALA B 130 -24.60 3.50 -0.90
N ASN B 131 -24.24 2.24 -1.15
CA ASN B 131 -22.92 1.86 -1.62
C ASN B 131 -23.03 0.81 -2.71
N ARG B 132 -22.00 0.73 -3.56
CA ARG B 132 -21.87 -0.39 -4.49
C ARG B 132 -20.41 -0.49 -4.92
N ALA B 133 -19.99 -1.70 -5.25
CA ALA B 133 -18.66 -1.90 -5.82
C ALA B 133 -18.71 -3.03 -6.83
N HIS B 134 -17.89 -2.90 -7.87
CA HIS B 134 -17.86 -3.89 -8.95
C HIS B 134 -16.46 -3.96 -9.55
N GLU B 135 -16.11 -5.14 -10.07
CA GLU B 135 -14.89 -5.27 -10.83
C GLU B 135 -14.91 -4.34 -12.03
N ALA B 136 -13.75 -3.78 -12.37
CA ALA B 136 -13.68 -2.84 -13.46
C ALA B 136 -12.33 -2.94 -14.14
N VAL B 137 -12.26 -2.46 -15.37
CA VAL B 137 -11.03 -2.47 -16.15
C VAL B 137 -10.84 -1.09 -16.75
N ILE B 138 -9.62 -0.56 -16.65
CA ILE B 138 -9.23 0.70 -17.30
C ILE B 138 -8.18 0.39 -18.35
N ALA B 139 -8.48 0.65 -19.62
CA ALA B 139 -7.52 0.46 -20.70
C ALA B 139 -6.75 1.76 -20.85
N THR B 140 -5.50 1.79 -20.36
CA THR B 140 -4.75 3.04 -20.38
C THR B 140 -4.27 3.46 -21.76
N TYR B 141 -4.39 2.57 -22.75
CA TYR B 141 -3.97 2.87 -24.11
C TYR B 141 -5.10 3.44 -24.95
N SER B 142 -6.32 3.46 -24.42
CA SER B 142 -7.47 3.90 -25.19
C SER B 142 -7.45 5.42 -25.34
N PRO B 143 -8.00 5.93 -26.46
CA PRO B 143 -8.13 7.39 -26.60
C PRO B 143 -8.99 8.04 -25.54
N LYS B 144 -9.85 7.28 -24.85
CA LYS B 144 -10.68 7.83 -23.79
C LYS B 144 -9.96 7.93 -22.45
N PHE B 145 -8.71 7.45 -22.36
CA PHE B 145 -7.90 7.62 -21.15
C PHE B 145 -7.21 8.97 -21.24
N THR B 146 -7.83 10.00 -20.68
CA THR B 146 -7.29 11.37 -20.73
C THR B 146 -7.23 11.97 -19.33
N PRO B 147 -6.51 11.33 -18.40
CA PRO B 147 -6.51 11.83 -17.01
C PRO B 147 -5.94 13.22 -16.86
N LYS B 148 -5.02 13.64 -17.74
CA LYS B 148 -4.50 15.02 -17.67
C LYS B 148 -5.58 16.03 -18.04
N LEU B 149 -6.59 15.61 -18.80
CA LEU B 149 -7.75 16.44 -19.08
C LEU B 149 -8.84 16.29 -18.02
N GLY B 150 -8.61 15.49 -16.98
CA GLY B 150 -9.56 15.38 -15.91
C GLY B 150 -10.64 14.34 -16.07
N ASN B 151 -10.50 13.41 -17.01
CA ASN B 151 -11.51 12.35 -17.06
C ASN B 151 -10.97 11.12 -17.77
N ILE B 152 -11.53 9.97 -17.40
CA ILE B 152 -11.15 8.69 -17.97
C ILE B 152 -12.40 7.85 -18.15
N GLN B 153 -12.23 6.71 -18.81
CA GLN B 153 -13.29 5.73 -18.98
C GLN B 153 -12.87 4.42 -18.32
N PHE B 154 -13.82 3.76 -17.67
CA PHE B 154 -13.60 2.40 -17.17
C PHE B 154 -14.78 1.55 -17.61
N SER B 155 -14.57 0.23 -17.58
CA SER B 155 -15.59 -0.70 -18.04
C SER B 155 -15.78 -1.79 -17.01
N THR B 156 -16.99 -2.35 -16.99
CA THR B 156 -17.40 -3.32 -15.98
C THR B 156 -18.04 -4.51 -16.66
N TRP B 157 -17.97 -5.67 -16.00
CA TRP B 157 -18.86 -6.78 -16.35
C TRP B 157 -20.30 -6.46 -15.97
N GLU B 158 -20.51 -5.91 -14.78
CA GLU B 158 -21.83 -5.47 -14.34
C GLU B 158 -22.41 -4.49 -15.36
N THR B 159 -23.68 -4.70 -15.72
CA THR B 159 -24.28 -3.89 -16.79
C THR B 159 -25.15 -2.74 -16.28
N GLN B 160 -25.45 -2.67 -14.98
CA GLN B 160 -26.42 -1.68 -14.53
C GLN B 160 -26.05 -0.94 -13.25
N ASP B 161 -25.36 -1.57 -12.32
CA ASP B 161 -25.30 -1.07 -10.93
C ASP B 161 -24.07 -0.19 -10.69
N VAL B 162 -23.97 0.87 -11.50
CA VAL B 162 -23.01 1.95 -11.28
C VAL B 162 -23.77 3.25 -11.36
N SER B 163 -23.62 4.11 -10.35
CA SER B 163 -24.45 5.31 -10.24
C SER B 163 -23.74 6.54 -10.78
N SER B 164 -24.47 7.35 -11.52
CA SER B 164 -23.92 8.59 -12.06
C SER B 164 -23.93 9.67 -10.99
N GLY B 165 -22.91 10.53 -11.02
CA GLY B 165 -22.83 11.66 -10.12
C GLY B 165 -22.44 11.35 -8.70
N GLN B 166 -21.94 10.16 -8.43
CA GLN B 166 -21.60 9.80 -7.06
C GLN B 166 -20.09 9.58 -6.90
N PRO B 167 -19.53 9.91 -5.74
CA PRO B 167 -18.09 9.76 -5.52
C PRO B 167 -17.64 8.32 -5.77
N THR B 168 -16.50 8.20 -6.44
CA THR B 168 -16.07 6.92 -6.97
C THR B 168 -14.57 6.75 -6.69
N LYS B 169 -14.20 5.52 -6.33
CA LYS B 169 -12.81 5.18 -6.09
C LYS B 169 -12.46 4.01 -6.98
N PHE B 170 -11.23 4.00 -7.52
CA PHE B 170 -10.71 2.83 -8.21
C PHE B 170 -9.57 2.25 -7.37
N THR B 171 -9.74 1.01 -6.91
CA THR B 171 -8.71 0.28 -6.21
C THR B 171 -8.06 -0.69 -7.19
N PRO B 172 -6.80 -0.51 -7.55
CA PRO B 172 -6.18 -1.43 -8.51
C PRO B 172 -5.89 -2.78 -7.88
N VAL B 173 -5.97 -3.83 -8.72
CA VAL B 173 -5.70 -5.18 -8.25
C VAL B 173 -4.68 -5.86 -9.15
N GLY B 174 -4.80 -5.67 -10.46
CA GLY B 174 -3.89 -6.35 -11.36
C GLY B 174 -4.15 -6.00 -12.81
N LEU B 175 -3.99 -6.97 -13.71
CA LEU B 175 -4.28 -6.79 -15.14
C LEU B 175 -5.43 -7.69 -15.53
N ALA B 176 -6.20 -7.25 -16.54
CA ALA B 176 -7.28 -8.09 -17.04
C ALA B 176 -6.75 -9.22 -17.92
N SER B 177 -5.74 -8.93 -18.73
CA SER B 177 -5.21 -9.87 -19.72
C SER B 177 -3.84 -9.37 -20.16
N VAL B 178 -2.96 -10.29 -20.53
CA VAL B 178 -1.73 -9.90 -21.21
C VAL B 178 -1.59 -10.63 -22.53
N ASP B 179 -2.71 -11.03 -23.14
CA ASP B 179 -2.63 -11.74 -24.41
C ASP B 179 -2.26 -10.77 -25.52
N ALA B 180 -2.17 -11.31 -26.74
CA ALA B 180 -1.62 -10.54 -27.87
C ALA B 180 -2.45 -9.31 -28.23
N ASN B 181 -3.70 -9.24 -27.79
CA ASN B 181 -4.56 -8.09 -28.09
C ASN B 181 -4.80 -7.21 -26.88
N SER B 182 -4.03 -7.39 -25.80
CA SER B 182 -4.24 -6.68 -24.55
C SER B 182 -3.38 -5.43 -24.41
N HIS B 183 -2.45 -5.19 -25.34
CA HIS B 183 -1.61 -3.99 -25.36
C HIS B 183 -0.79 -3.81 -24.09
N PHE B 184 -0.47 -4.88 -23.37
CA PHE B 184 0.34 -4.71 -22.16
C PHE B 184 1.79 -4.45 -22.54
N ASP B 185 2.32 -3.31 -22.11
CA ASP B 185 3.74 -3.02 -22.28
C ASP B 185 4.11 -2.06 -21.16
N GLN B 186 4.88 -2.56 -20.18
CA GLN B 186 5.13 -1.77 -18.99
C GLN B 186 5.98 -0.54 -19.27
N TRP B 187 6.65 -0.47 -20.42
CA TRP B 187 7.50 0.67 -20.76
C TRP B 187 6.87 1.62 -21.78
N THR B 188 5.64 1.38 -22.20
CA THR B 188 4.95 2.28 -23.11
C THR B 188 4.07 3.19 -22.26
N LEU B 189 4.33 4.51 -22.30
CA LEU B 189 3.55 5.43 -21.50
C LEU B 189 2.14 5.61 -22.09
N PRO B 190 1.12 5.82 -21.25
CA PRO B 190 -0.17 6.31 -21.77
C PRO B 190 0.02 7.68 -22.37
N SER B 191 -0.89 8.07 -23.25
CA SER B 191 -0.99 9.46 -23.70
C SER B 191 -1.96 10.16 -22.75
N TYR B 192 -1.41 10.87 -21.76
CA TYR B 192 -2.22 11.33 -20.64
C TYR B 192 -3.29 12.32 -21.07
N SER B 193 -3.07 13.04 -22.17
CA SER B 193 -4.04 13.99 -22.71
C SER B 193 -4.70 13.51 -24.00
N GLY B 194 -4.51 12.25 -24.39
CA GLY B 194 -5.12 11.75 -25.61
C GLY B 194 -4.14 11.71 -26.77
N ALA B 195 -4.65 11.25 -27.91
CA ALA B 195 -3.79 10.79 -29.01
C ALA B 195 -3.11 11.92 -29.78
N LEU B 196 -3.66 13.13 -29.78
CA LEU B 196 -3.03 14.21 -30.51
C LEU B 196 -2.22 15.13 -29.64
N THR B 197 -1.94 14.75 -28.40
CA THR B 197 -1.26 15.64 -27.47
C THR B 197 0.00 14.97 -26.94
N LEU B 198 1.01 15.81 -26.69
CA LEU B 198 2.29 15.37 -26.20
C LEU B 198 2.23 15.24 -24.68
N ASN B 199 2.80 14.17 -24.13
CA ASN B 199 2.95 14.13 -22.68
C ASN B 199 3.92 15.23 -22.24
N MET B 200 3.65 15.82 -21.06
CA MET B 200 4.40 16.95 -20.56
C MET B 200 4.91 16.69 -19.15
N ASN B 201 5.97 17.41 -18.76
CA ASN B 201 6.51 17.38 -17.39
C ASN B 201 6.96 15.98 -17.00
N LEU B 202 7.47 15.22 -17.95
CA LEU B 202 7.84 13.84 -17.68
C LEU B 202 9.13 13.74 -16.88
N ALA B 203 9.20 12.72 -16.02
CA ALA B 203 10.49 12.34 -15.47
C ALA B 203 11.36 11.81 -16.61
N PRO B 204 12.67 12.06 -16.59
CA PRO B 204 13.50 11.75 -17.76
C PRO B 204 13.68 10.25 -17.94
N SER B 205 14.06 9.87 -19.16
CA SER B 205 14.36 8.46 -19.38
C SER B 205 15.64 8.09 -18.64
N VAL B 206 15.80 6.79 -18.35
CA VAL B 206 16.97 6.32 -17.62
C VAL B 206 17.64 5.20 -18.42
N ALA B 207 18.96 5.15 -18.35
CA ALA B 207 19.75 4.19 -19.11
C ALA B 207 21.14 4.12 -18.49
N PRO B 208 21.84 3.01 -18.66
CA PRO B 208 23.26 2.99 -18.32
C PRO B 208 24.07 3.79 -19.33
N VAL B 209 25.08 4.50 -18.83
CA VAL B 209 25.97 5.27 -19.70
C VAL B 209 27.27 4.51 -19.88
N PHE B 210 27.67 3.78 -18.87
CA PHE B 210 28.90 3.01 -18.84
C PHE B 210 28.76 1.73 -19.68
N PRO B 211 29.77 1.39 -20.48
CA PRO B 211 29.71 0.14 -21.24
C PRO B 211 29.68 -1.07 -20.33
N GLY B 212 28.89 -2.07 -20.72
CA GLY B 212 28.76 -3.28 -19.93
C GLY B 212 27.74 -3.22 -18.81
N GLU B 213 27.16 -2.07 -18.54
CA GLU B 213 26.20 -1.92 -17.45
C GLU B 213 24.77 -2.06 -17.96
N CYS B 214 23.88 -2.46 -17.05
CA CYS B 214 22.47 -2.55 -17.36
C CYS B 214 21.69 -2.07 -16.14
N LEU B 215 20.44 -1.69 -16.37
CA LEU B 215 19.57 -1.30 -15.28
C LEU B 215 19.27 -2.50 -14.37
N LEU B 216 19.12 -2.21 -13.08
CA LEU B 216 18.70 -3.17 -12.08
C LEU B 216 17.33 -2.75 -11.56
N PHE B 217 16.36 -3.67 -11.61
CA PHE B 217 14.99 -3.36 -11.23
C PHE B 217 14.58 -4.11 -9.97
N PHE B 218 13.60 -3.54 -9.28
CA PHE B 218 12.85 -4.23 -8.24
C PHE B 218 11.57 -4.76 -8.90
N ARG B 219 11.46 -6.08 -9.03
CA ARG B 219 10.39 -6.69 -9.82
C ARG B 219 9.29 -7.25 -8.93
N SER B 220 8.03 -7.02 -9.34
CA SER B 220 6.87 -7.65 -8.72
C SER B 220 6.03 -8.32 -9.78
N PHE B 221 5.45 -9.47 -9.44
CA PHE B 221 4.55 -10.15 -10.35
C PHE B 221 3.13 -9.67 -10.06
N ILE B 222 2.40 -9.35 -11.12
CA ILE B 222 1.13 -8.65 -11.02
C ILE B 222 0.00 -9.64 -11.31
N PRO B 223 -1.04 -9.69 -10.48
CA PRO B 223 -2.14 -10.66 -10.70
C PRO B 223 -2.85 -10.44 -12.03
N LEU B 224 -3.47 -11.51 -12.53
CA LEU B 224 -4.27 -11.49 -13.75
C LEU B 224 -5.69 -11.95 -13.47
N LYS B 225 -6.66 -11.28 -14.09
CA LYS B 225 -8.06 -11.71 -13.98
C LYS B 225 -8.28 -13.05 -14.67
N GLY B 226 -7.57 -13.31 -15.76
CA GLY B 226 -7.77 -14.54 -16.50
C GLY B 226 -6.72 -14.69 -17.58
N GLY B 227 -6.81 -15.80 -18.30
CA GLY B 227 -5.89 -16.06 -19.39
C GLY B 227 -4.54 -16.55 -18.91
N TYR B 228 -3.63 -16.64 -19.86
CA TYR B 228 -2.29 -17.16 -19.63
C TYR B 228 -1.30 -16.02 -19.49
N GLY B 229 -0.29 -16.24 -18.66
CA GLY B 229 0.81 -15.29 -18.57
C GLY B 229 1.39 -15.27 -17.18
N ASN B 230 2.57 -14.62 -17.08
CA ASN B 230 3.21 -14.35 -15.79
C ASN B 230 3.74 -12.92 -15.79
N PRO B 231 2.86 -11.94 -15.94
CA PRO B 231 3.31 -10.55 -16.09
C PRO B 231 3.97 -10.01 -14.84
N ALA B 232 4.89 -9.08 -15.05
CA ALA B 232 5.64 -8.44 -13.99
C ALA B 232 5.71 -6.93 -14.23
N ILE B 233 5.88 -6.19 -13.13
CA ILE B 233 6.08 -4.74 -13.15
C ILE B 233 7.41 -4.45 -12.48
N ASP B 234 8.29 -3.77 -13.20
CA ASP B 234 9.64 -3.46 -12.73
C ASP B 234 9.70 -1.99 -12.33
N CYS B 235 10.14 -1.70 -11.11
CA CYS B 235 10.30 -0.32 -10.71
C CYS B 235 11.76 0.00 -10.45
N LEU B 236 12.10 1.27 -10.61
CA LEU B 236 13.49 1.69 -10.48
C LEU B 236 13.94 1.74 -9.02
N MET B 237 13.03 2.08 -8.11
CA MET B 237 13.30 2.13 -6.69
C MET B 237 11.99 1.77 -6.01
N PRO B 238 12.03 1.04 -4.91
CA PRO B 238 10.79 0.71 -4.21
C PRO B 238 10.20 1.95 -3.59
N GLN B 239 8.91 1.84 -3.24
CA GLN B 239 8.20 2.99 -2.70
C GLN B 239 8.84 3.48 -1.40
N GLU B 240 9.39 2.57 -0.61
CA GLU B 240 10.02 2.97 0.65
C GLU B 240 11.27 3.82 0.43
N TRP B 241 11.98 3.62 -0.69
CA TRP B 241 13.11 4.49 -1.02
C TRP B 241 12.64 5.87 -1.45
N VAL B 242 11.59 5.93 -2.26
CA VAL B 242 10.96 7.21 -2.59
C VAL B 242 10.62 7.97 -1.32
N GLN B 243 9.95 7.30 -0.37
CA GLN B 243 9.54 7.97 0.87
C GLN B 243 10.74 8.41 1.69
N HIS B 244 11.79 7.59 1.73
CA HIS B 244 12.97 7.91 2.54
C HIS B 244 13.74 9.09 1.93
N LEU B 245 14.00 9.02 0.63
CA LEU B 245 14.76 10.09 -0.01
C LEU B 245 14.04 11.42 0.11
N TYR B 246 12.71 11.39 -0.03
CA TYR B 246 11.91 12.60 0.11
C TYR B 246 12.04 13.18 1.51
N GLN B 247 11.92 12.34 2.53
CA GLN B 247 12.01 12.80 3.92
CA GLN B 247 12.00 12.85 3.90
C GLN B 247 13.39 13.37 4.21
N GLU B 248 14.44 12.64 3.82
CA GLU B 248 15.79 13.01 4.22
C GLU B 248 16.28 14.25 3.47
N SER B 249 15.97 14.34 2.17
CA SER B 249 16.34 15.49 1.35
C SER B 249 17.84 15.76 1.44
N ALA B 250 18.64 14.69 1.39
CA ALA B 250 20.08 14.83 1.55
C ALA B 250 20.71 15.30 0.24
N PRO B 251 21.59 16.30 0.27
CA PRO B 251 22.25 16.75 -0.97
C PRO B 251 23.03 15.63 -1.63
N SER B 252 22.88 15.50 -2.95
CA SER B 252 23.69 14.58 -3.73
C SER B 252 25.08 15.17 -3.95
N LEU B 253 26.11 14.49 -3.43
CA LEU B 253 27.47 15.02 -3.50
C LEU B 253 28.22 14.62 -4.76
N SER B 254 27.67 13.70 -5.56
CA SER B 254 28.15 13.46 -6.92
C SER B 254 26.99 12.92 -7.73
N ASP B 255 27.26 12.51 -8.97
CA ASP B 255 26.21 11.98 -9.82
C ASP B 255 25.89 10.51 -9.53
N VAL B 256 26.70 9.82 -8.73
CA VAL B 256 26.58 8.38 -8.53
C VAL B 256 26.92 8.03 -7.09
N ALA B 257 25.99 7.39 -6.39
CA ALA B 257 26.26 6.81 -5.08
C ALA B 257 26.56 5.33 -5.27
N LEU B 258 27.70 4.89 -4.77
CA LEU B 258 28.02 3.47 -4.78
C LEU B 258 27.29 2.79 -3.64
N VAL B 259 26.58 1.70 -3.95
CA VAL B 259 25.85 0.92 -2.97
C VAL B 259 26.26 -0.54 -3.10
N ARG B 260 26.22 -1.25 -1.98
CA ARG B 260 26.54 -2.68 -1.93
C ARG B 260 25.36 -3.44 -1.36
N TYR B 261 25.09 -4.60 -1.95
CA TYR B 261 24.01 -5.48 -1.47
C TYR B 261 24.64 -6.46 -0.49
N VAL B 262 24.26 -6.38 0.78
CA VAL B 262 24.96 -7.06 1.86
C VAL B 262 24.09 -8.18 2.42
N ASN B 263 24.73 -9.30 2.76
CA ASN B 263 24.08 -10.35 3.53
C ASN B 263 24.43 -10.11 4.99
N PRO B 264 23.50 -9.61 5.82
CA PRO B 264 23.89 -9.19 7.18
C PRO B 264 24.19 -10.35 8.11
N GLU B 265 23.73 -11.56 7.81
CA GLU B 265 24.06 -12.69 8.67
C GLU B 265 25.56 -13.00 8.63
N THR B 266 26.17 -12.90 7.45
CA THR B 266 27.57 -13.23 7.27
C THR B 266 28.47 -12.01 7.13
N GLY B 267 27.93 -10.89 6.66
CA GLY B 267 28.71 -9.70 6.43
C GLY B 267 29.30 -9.56 5.04
N ARG B 268 29.04 -10.51 4.14
CA ARG B 268 29.60 -10.48 2.79
CA ARG B 268 29.62 -10.46 2.80
C ARG B 268 28.77 -9.58 1.87
N THR B 269 29.45 -8.92 0.95
CA THR B 269 28.79 -8.17 -0.11
CA THR B 269 28.77 -8.18 -0.10
C THR B 269 28.55 -9.11 -1.29
N LEU B 270 27.30 -9.21 -1.73
CA LEU B 270 26.99 -10.09 -2.85
C LEU B 270 27.32 -9.42 -4.18
N PHE B 271 27.03 -8.12 -4.30
CA PHE B 271 27.38 -7.36 -5.49
C PHE B 271 27.32 -5.89 -5.15
N GLU B 272 27.87 -5.07 -6.05
CA GLU B 272 27.80 -3.62 -5.94
C GLU B 272 27.04 -3.03 -7.12
N ALA B 273 26.53 -1.82 -6.93
CA ALA B 273 25.73 -1.17 -7.96
C ALA B 273 25.95 0.33 -7.88
N LYS B 274 25.65 1.01 -8.98
CA LYS B 274 25.64 2.47 -9.01
C LYS B 274 24.22 2.93 -8.75
N LEU B 275 24.04 3.81 -7.77
CA LEU B 275 22.76 4.46 -7.55
C LEU B 275 22.89 5.87 -8.12
N HIS B 276 22.23 6.09 -9.25
CA HIS B 276 22.39 7.34 -9.99
C HIS B 276 21.54 8.44 -9.39
N ARG B 277 22.00 9.68 -9.59
CA ARG B 277 21.39 10.84 -8.97
C ARG B 277 19.90 10.96 -9.28
N ASN B 278 19.50 10.57 -10.49
CA ASN B 278 18.10 10.69 -10.89
CA ASN B 278 18.10 10.69 -10.88
C ASN B 278 17.23 9.59 -10.30
N GLY B 279 17.80 8.64 -9.58
CA GLY B 279 17.00 7.65 -8.87
C GLY B 279 16.85 6.32 -9.57
N PHE B 280 17.96 5.68 -9.93
CA PHE B 280 17.90 4.35 -10.52
C PHE B 280 19.25 3.68 -10.34
N LEU B 281 19.24 2.36 -10.48
CA LEU B 281 20.43 1.52 -10.25
C LEU B 281 20.94 0.92 -11.55
N THR B 282 22.26 0.83 -11.67
CA THR B 282 22.86 -0.03 -12.70
C THR B 282 23.86 -0.99 -12.07
N VAL B 283 24.07 -2.12 -12.76
CA VAL B 283 25.02 -3.15 -12.34
C VAL B 283 25.81 -3.59 -13.56
N ALA B 284 26.97 -4.18 -13.31
CA ALA B 284 27.76 -4.77 -14.38
C ALA B 284 27.38 -6.24 -14.43
N ARG B 285 26.36 -6.54 -15.23
CA ARG B 285 25.85 -7.90 -15.37
C ARG B 285 25.50 -8.17 -16.82
N ASN B 286 25.87 -9.35 -17.30
CA ASN B 286 25.64 -9.75 -18.68
C ASN B 286 24.60 -10.86 -18.76
N SER B 287 23.67 -10.90 -17.81
CA SER B 287 22.63 -11.92 -17.78
C SER B 287 21.28 -11.24 -17.56
N ALA B 288 20.26 -11.81 -18.18
CA ALA B 288 18.90 -11.37 -17.95
C ALA B 288 18.24 -12.30 -16.96
N GLY B 289 17.37 -11.74 -16.12
CA GLY B 289 16.56 -12.54 -15.25
C GLY B 289 16.74 -12.17 -13.80
N PRO B 290 16.15 -12.95 -12.91
CA PRO B 290 16.19 -12.63 -11.48
C PRO B 290 17.61 -12.70 -10.94
N VAL B 291 17.82 -11.96 -9.86
CA VAL B 291 19.01 -12.06 -9.04
C VAL B 291 18.73 -13.01 -7.89
N VAL B 292 19.55 -14.05 -7.75
CA VAL B 292 19.41 -14.99 -6.65
C VAL B 292 20.12 -14.39 -5.44
N ALA B 293 19.34 -13.88 -4.48
CA ALA B 293 19.90 -13.23 -3.31
C ALA B 293 18.93 -13.47 -2.16
N PRO B 294 19.44 -13.64 -0.94
CA PRO B 294 18.53 -13.88 0.19
C PRO B 294 17.72 -12.64 0.49
N THR B 295 16.45 -12.85 0.85
CA THR B 295 15.57 -11.70 1.06
C THR B 295 15.88 -10.95 2.34
N ASN B 296 16.79 -11.46 3.19
CA ASN B 296 17.33 -10.71 4.32
C ASN B 296 18.48 -9.78 3.93
N GLY B 297 18.89 -9.79 2.66
CA GLY B 297 19.90 -8.85 2.23
C GLY B 297 19.36 -7.46 2.01
N TYR B 298 20.26 -6.48 1.96
CA TYR B 298 19.80 -5.11 1.79
C TYR B 298 20.91 -4.27 1.16
N PHE B 299 20.50 -3.18 0.54
CA PHE B 299 21.44 -2.25 -0.05
C PHE B 299 22.00 -1.31 1.01
N ARG B 300 23.32 -1.12 0.97
CA ARG B 300 24.05 -0.27 1.89
C ARG B 300 24.79 0.80 1.11
N PHE B 301 24.63 2.06 1.51
CA PHE B 301 25.34 3.17 0.89
C PHE B 301 26.83 3.13 1.28
N ASP B 302 27.71 3.09 0.28
CA ASP B 302 29.16 2.92 0.45
CA ASP B 302 29.12 2.98 0.61
C ASP B 302 29.91 4.24 0.30
N SER B 303 29.69 4.95 -0.82
CA SER B 303 30.44 6.17 -1.07
C SER B 303 29.87 6.88 -2.27
N TRP B 304 30.18 8.17 -2.40
CA TRP B 304 29.94 8.88 -3.64
C TRP B 304 31.10 8.61 -4.58
N VAL B 305 30.79 8.25 -5.83
CA VAL B 305 31.80 8.02 -6.85
C VAL B 305 31.44 8.87 -8.07
N ASN B 306 32.08 8.62 -9.20
CA ASN B 306 31.70 9.31 -10.44
C ASN B 306 31.22 8.30 -11.49
N GLN B 307 30.84 8.82 -12.64
CA GLN B 307 30.29 7.99 -13.72
C GLN B 307 31.33 7.05 -14.33
N PHE B 308 32.61 7.28 -14.08
CA PHE B 308 33.66 6.44 -14.64
C PHE B 308 34.09 5.32 -13.71
N TYR B 309 33.50 5.22 -12.52
CA TYR B 309 33.82 4.12 -11.62
C TYR B 309 33.45 2.80 -12.28
N THR B 310 34.35 1.82 -12.20
CA THR B 310 34.12 0.52 -12.82
C THR B 310 33.58 -0.44 -11.76
N LEU B 311 32.35 -0.90 -11.97
CA LEU B 311 31.72 -1.83 -11.05
C LEU B 311 32.35 -3.21 -11.13
N ALA B 312 32.46 -3.88 -9.99
CA ALA B 312 32.84 -5.28 -9.98
C ALA B 312 31.77 -6.10 -10.70
N PRO B 313 32.14 -7.02 -11.58
CA PRO B 313 31.13 -7.79 -12.32
C PRO B 313 30.25 -8.59 -11.39
N MET B 314 28.97 -8.70 -11.75
CA MET B 314 28.00 -9.43 -10.96
C MET B 314 28.04 -10.92 -11.27
#